data_2BU5
#
_entry.id   2BU5
#
_cell.length_a   108.074
_cell.length_b   108.074
_cell.length_c   84.385
_cell.angle_alpha   90.00
_cell.angle_beta   90.00
_cell.angle_gamma   120.00
#
_symmetry.space_group_name_H-M   'P 64'
#
loop_
_entity.id
_entity.type
_entity.pdbx_description
1 polymer 'PYRUVATE DEHYDROGENASE KINASE ISOENZYME 2'
2 non-polymer 4-({(2R,5S)-2,5-DIMETHYL-4-[(2R)-3,3,3-TRIFLUORO-2-HYDROXY-2-METHYLPROPANOYL]PIPERAZIN-1-YL}CARBONYL)BENZONITRILE
3 water water
#
_entity_poly.entity_id   1
_entity_poly.type   'polypeptide(L)'
_entity_poly.pdbx_seq_one_letter_code
;GSAPKYIEHFSKFSPSPLSMKQFLDFGSSNACEKTSFTFLRQELPVRLANIMKEINLLPDRVLSTPSVQLVQSWYVQSLL
DIMEFLDKDPEDHRTLSQFTDALVTIRNRHNDVVPTMAQGVLEYKDTYGDDPVSNQNIQYFLDRFYLSRISIRMLINQHT
LIFDGSTNPAHPKHIGSIDPNCNVSEVVKDAYDMAKLLCDKYYMASPDLEIQEINAANSKQPIHMVYVPSHLYHMLFELF
KNAMRATVESHESSLILPPIKVMVALGEEDLSIKMSDRGGGVPLRKIERLFSYMYSTAPTPQPGTGGTPLAGFGYGLPIS
RLYAKYFQGDLQLFSMEGFGTDAVIYLKALSTDSVERLPVYNKSAWRHYQTIQEAGDWCVPSTEPKNTSTYRVS
;
_entity_poly.pdbx_strand_id   A
#
# COMPACT_ATOMS: atom_id res chain seq x y z
N GLY A 1 31.80 -7.13 -0.70
CA GLY A 1 31.37 -8.19 0.22
C GLY A 1 31.09 -7.63 1.61
N SER A 2 30.52 -6.42 1.64
CA SER A 2 30.21 -5.76 2.91
C SER A 2 28.73 -5.49 3.15
N ALA A 3 27.87 -6.08 2.33
CA ALA A 3 26.42 -5.89 2.48
C ALA A 3 25.94 -6.19 3.90
N PRO A 4 26.31 -7.35 4.45
CA PRO A 4 25.89 -7.73 5.80
C PRO A 4 26.28 -6.68 6.83
N LYS A 5 27.39 -6.00 6.57
CA LYS A 5 27.90 -4.97 7.47
C LYS A 5 27.01 -3.72 7.41
N TYR A 6 26.79 -3.20 6.21
CA TYR A 6 25.96 -2.02 6.03
C TYR A 6 24.59 -2.23 6.66
N ILE A 7 24.01 -3.39 6.39
CA ILE A 7 22.71 -3.75 6.91
C ILE A 7 22.77 -3.80 8.43
N GLU A 8 23.86 -4.30 8.99
CA GLU A 8 24.00 -4.38 10.43
C GLU A 8 24.07 -2.97 11.00
N HIS A 9 24.69 -2.06 10.25
CA HIS A 9 24.83 -0.67 10.67
C HIS A 9 23.48 0.04 10.66
N PHE A 10 23.04 0.45 9.48
CA PHE A 10 21.77 1.16 9.31
C PHE A 10 20.57 0.51 9.99
N SER A 11 20.66 -0.79 10.24
CA SER A 11 19.60 -1.55 10.88
C SER A 11 19.44 -1.13 12.34
N LYS A 12 20.45 -0.43 12.86
CA LYS A 12 20.44 0.03 14.24
C LYS A 12 19.59 1.30 14.39
N PHE A 13 19.37 1.99 13.28
CA PHE A 13 18.58 3.21 13.27
C PHE A 13 17.11 2.87 13.04
N SER A 14 16.22 3.74 13.53
CA SER A 14 14.79 3.56 13.32
C SER A 14 14.40 4.49 12.19
N PRO A 15 13.47 4.05 11.32
CA PRO A 15 13.09 4.96 10.24
C PRO A 15 12.32 6.18 10.80
N SER A 16 12.39 7.31 10.09
CA SER A 16 11.73 8.53 10.52
C SER A 16 10.39 8.78 9.87
N PRO A 17 9.30 8.44 10.57
CA PRO A 17 7.97 8.65 9.99
C PRO A 17 7.70 10.13 9.76
N LEU A 18 7.36 10.48 8.52
CA LEU A 18 7.07 11.86 8.13
C LEU A 18 5.57 12.11 8.06
N SER A 19 5.18 13.35 8.34
CA SER A 19 3.76 13.72 8.30
C SER A 19 3.48 14.29 6.92
N MET A 20 2.21 14.39 6.57
CA MET A 20 1.85 14.91 5.26
C MET A 20 2.05 16.42 5.16
N LYS A 21 2.17 17.11 6.28
CA LYS A 21 2.38 18.55 6.20
C LYS A 21 3.86 18.85 5.96
N GLN A 22 4.73 18.00 6.48
CA GLN A 22 6.16 18.19 6.28
C GLN A 22 6.46 17.99 4.79
N PHE A 23 5.63 17.18 4.14
CA PHE A 23 5.74 16.89 2.71
C PHE A 23 5.30 18.10 1.89
N LEU A 24 4.35 18.84 2.44
CA LEU A 24 3.75 20.02 1.81
C LEU A 24 4.65 21.22 1.86
N ASP A 25 5.61 21.19 2.77
CA ASP A 25 6.46 22.33 2.87
C ASP A 25 7.39 22.34 1.69
N PHE A 26 7.91 21.19 1.30
CA PHE A 26 8.75 21.22 0.12
C PHE A 26 7.87 21.65 -1.04
N SER A 29 9.84 24.09 -6.45
CA SER A 29 11.04 23.45 -6.98
C SER A 29 12.30 24.13 -6.49
N ASN A 30 12.97 23.46 -5.56
CA ASN A 30 14.23 23.91 -4.96
C ASN A 30 14.12 24.45 -3.55
N ALA A 31 13.42 23.70 -2.71
CA ALA A 31 13.33 24.03 -1.29
C ALA A 31 14.55 23.22 -0.91
N CYS A 32 15.53 23.31 -1.81
CA CYS A 32 16.80 22.62 -1.75
C CYS A 32 16.75 21.11 -1.79
N GLU A 33 17.15 20.55 -2.92
CA GLU A 33 17.18 19.11 -3.05
C GLU A 33 18.44 18.68 -2.36
N LYS A 34 19.26 19.67 -2.00
CA LYS A 34 20.49 19.39 -1.28
C LYS A 34 19.95 18.88 0.05
N THR A 35 19.03 19.65 0.62
CA THR A 35 18.39 19.32 1.89
C THR A 35 17.76 17.94 1.83
N SER A 36 17.22 17.55 0.68
CA SER A 36 16.61 16.24 0.53
C SER A 36 17.69 15.17 0.35
N PHE A 37 18.60 15.40 -0.60
CA PHE A 37 19.69 14.49 -0.88
C PHE A 37 20.34 13.99 0.41
N THR A 38 20.76 14.93 1.25
CA THR A 38 21.40 14.57 2.51
C THR A 38 20.46 13.74 3.38
N PHE A 39 19.18 14.09 3.38
CA PHE A 39 18.21 13.33 4.18
C PHE A 39 18.00 11.93 3.65
N LEU A 40 17.70 11.83 2.36
CA LEU A 40 17.46 10.54 1.71
C LEU A 40 18.66 9.62 1.73
N ARG A 41 19.85 10.20 1.86
CA ARG A 41 21.10 9.44 1.93
C ARG A 41 21.14 8.52 3.14
N GLN A 42 20.57 8.99 4.25
CA GLN A 42 20.55 8.20 5.47
C GLN A 42 19.22 7.44 5.64
N GLU A 43 18.11 8.09 5.30
CA GLU A 43 16.79 7.49 5.44
C GLU A 43 16.56 6.24 4.60
N LEU A 44 16.79 6.33 3.30
CA LEU A 44 16.60 5.18 2.44
C LEU A 44 17.38 3.97 2.94
N PRO A 45 18.68 4.14 3.25
CA PRO A 45 19.51 3.03 3.74
C PRO A 45 18.95 2.45 5.05
N VAL A 46 18.47 3.33 5.91
CA VAL A 46 17.89 2.92 7.19
C VAL A 46 16.62 2.09 6.94
N ARG A 47 15.79 2.55 6.01
CA ARG A 47 14.54 1.83 5.72
C ARG A 47 14.82 0.52 4.99
N LEU A 48 15.73 0.58 4.01
CA LEU A 48 16.09 -0.63 3.26
C LEU A 48 16.70 -1.68 4.19
N ALA A 49 17.57 -1.23 5.09
CA ALA A 49 18.24 -2.13 6.02
C ALA A 49 17.32 -2.77 7.04
N ASN A 50 16.35 -2.01 7.56
CA ASN A 50 15.43 -2.56 8.54
C ASN A 50 14.59 -3.67 7.90
N ILE A 51 14.06 -3.45 6.71
CA ILE A 51 13.28 -4.51 6.08
C ILE A 51 14.22 -5.66 5.66
N MET A 52 15.44 -5.34 5.21
CA MET A 52 16.38 -6.38 4.82
C MET A 52 16.80 -7.21 6.02
N LYS A 53 16.86 -6.55 7.18
CA LYS A 53 17.26 -7.20 8.41
C LYS A 53 16.18 -8.18 8.88
N GLU A 54 14.91 -7.85 8.63
CA GLU A 54 13.80 -8.70 9.05
C GLU A 54 13.66 -9.94 8.15
N ILE A 55 13.95 -9.76 6.86
CA ILE A 55 13.88 -10.87 5.93
C ILE A 55 14.90 -11.92 6.36
N ASN A 56 16.17 -11.50 6.45
CA ASN A 56 17.26 -12.40 6.86
C ASN A 56 16.93 -13.26 8.07
N LEU A 57 15.91 -12.87 8.82
CA LEU A 57 15.54 -13.63 10.01
C LEU A 57 14.25 -14.43 9.92
N LEU A 58 13.91 -14.89 8.71
CA LEU A 58 12.74 -15.73 8.51
C LEU A 58 13.26 -17.09 8.04
N PRO A 59 12.52 -18.17 8.32
CA PRO A 59 12.91 -19.53 7.92
C PRO A 59 13.76 -19.61 6.64
N ASP A 60 14.83 -20.41 6.68
CA ASP A 60 15.70 -20.58 5.53
C ASP A 60 14.93 -21.29 4.42
N ARG A 61 13.77 -21.82 4.78
CA ARG A 61 12.92 -22.51 3.83
C ARG A 61 12.35 -21.43 2.91
N VAL A 62 12.05 -20.29 3.51
CA VAL A 62 11.51 -19.15 2.78
C VAL A 62 12.66 -18.41 2.12
N LEU A 63 13.75 -18.25 2.86
CA LEU A 63 14.93 -17.55 2.34
C LEU A 63 15.51 -18.14 1.06
N SER A 64 15.69 -19.47 1.04
CA SER A 64 16.26 -20.16 -0.10
C SER A 64 15.49 -20.15 -1.42
N THR A 65 14.23 -19.74 -1.40
CA THR A 65 13.44 -19.71 -2.64
C THR A 65 13.97 -18.63 -3.59
N PRO A 66 13.95 -18.92 -4.90
CA PRO A 66 14.43 -17.95 -5.89
C PRO A 66 13.76 -16.58 -5.75
N SER A 67 12.48 -16.59 -5.38
CA SER A 67 11.71 -15.38 -5.20
C SER A 67 12.30 -14.46 -4.13
N VAL A 68 12.29 -14.95 -2.90
CA VAL A 68 12.81 -14.19 -1.79
C VAL A 68 14.27 -13.78 -1.98
N GLN A 69 15.07 -14.66 -2.57
CA GLN A 69 16.48 -14.33 -2.80
C GLN A 69 16.61 -13.38 -3.98
N LEU A 70 15.68 -13.46 -4.92
CA LEU A 70 15.74 -12.57 -6.07
C LEU A 70 15.50 -11.12 -5.62
N VAL A 71 14.47 -10.92 -4.81
CA VAL A 71 14.17 -9.57 -4.34
C VAL A 71 15.15 -9.16 -3.25
N GLN A 72 15.60 -10.15 -2.47
CA GLN A 72 16.58 -9.90 -1.41
C GLN A 72 17.88 -9.40 -2.03
N SER A 73 18.12 -9.79 -3.28
CA SER A 73 19.33 -9.36 -3.96
C SER A 73 19.09 -8.01 -4.62
N TRP A 74 17.82 -7.67 -4.82
CA TRP A 74 17.47 -6.39 -5.42
C TRP A 74 17.69 -5.28 -4.39
N TYR A 75 17.31 -5.55 -3.14
CA TYR A 75 17.48 -4.57 -2.08
C TYR A 75 18.96 -4.39 -1.76
N VAL A 76 19.70 -5.51 -1.76
CA VAL A 76 21.13 -5.45 -1.50
C VAL A 76 21.79 -4.51 -2.51
N GLN A 77 21.39 -4.62 -3.78
CA GLN A 77 21.95 -3.76 -4.82
C GLN A 77 21.49 -2.32 -4.71
N SER A 78 20.25 -2.11 -4.28
CA SER A 78 19.73 -0.75 -4.13
C SER A 78 20.43 -0.08 -2.95
N LEU A 79 20.69 -0.85 -1.90
CA LEU A 79 21.36 -0.33 -0.72
C LEU A 79 22.76 0.15 -1.12
N LEU A 80 23.50 -0.69 -1.85
CA LEU A 80 24.84 -0.35 -2.32
C LEU A 80 24.74 0.81 -3.30
N ASP A 81 23.70 0.78 -4.12
CA ASP A 81 23.44 1.81 -5.13
C ASP A 81 23.38 3.21 -4.52
N ILE A 82 23.02 3.30 -3.25
CA ILE A 82 22.92 4.62 -2.62
C ILE A 82 24.07 4.92 -1.68
N MET A 83 24.85 3.89 -1.32
CA MET A 83 26.00 4.09 -0.44
C MET A 83 26.94 5.11 -1.08
N GLU A 84 27.18 4.93 -2.38
CA GLU A 84 28.05 5.78 -3.16
C GLU A 84 28.05 7.24 -2.74
N PHE A 85 26.87 7.77 -2.43
CA PHE A 85 26.71 9.18 -2.08
C PHE A 85 26.99 9.57 -0.63
N LEU A 86 27.31 8.59 0.23
CA LEU A 86 27.56 8.89 1.63
C LEU A 86 28.73 9.84 1.89
N ASP A 87 29.78 9.76 1.06
CA ASP A 87 30.93 10.63 1.23
C ASP A 87 30.93 11.80 0.25
N LYS A 88 29.97 11.78 -0.67
CA LYS A 88 29.85 12.84 -1.65
C LYS A 88 29.45 14.14 -0.98
N ASP A 89 29.68 15.25 -1.67
CA ASP A 89 29.34 16.58 -1.15
C ASP A 89 28.36 17.23 -2.11
N PRO A 90 27.30 17.86 -1.60
CA PRO A 90 26.38 18.49 -2.55
C PRO A 90 27.14 19.62 -3.22
N GLU A 91 26.54 20.79 -3.33
CA GLU A 91 27.20 21.92 -3.96
C GLU A 91 27.42 21.60 -5.44
N ASP A 92 27.90 20.39 -5.72
CA ASP A 92 28.16 19.93 -7.07
C ASP A 92 26.82 19.62 -7.74
N HIS A 93 26.36 20.54 -8.58
CA HIS A 93 25.10 20.39 -9.29
C HIS A 93 24.98 19.11 -10.09
N ARG A 94 26.02 18.29 -10.06
CA ARG A 94 25.99 17.02 -10.78
C ARG A 94 26.07 15.85 -9.80
N THR A 95 26.42 16.14 -8.55
CA THR A 95 26.50 15.11 -7.52
C THR A 95 25.10 14.71 -7.08
N LEU A 96 24.15 15.64 -7.23
CA LEU A 96 22.77 15.38 -6.82
C LEU A 96 21.88 14.94 -7.99
N SER A 97 22.40 14.99 -9.21
CA SER A 97 21.63 14.55 -10.37
C SER A 97 22.04 13.10 -10.58
N GLN A 98 23.19 12.73 -10.00
CA GLN A 98 23.72 11.37 -10.06
C GLN A 98 22.80 10.58 -9.14
N PHE A 99 22.17 11.32 -8.22
CA PHE A 99 21.27 10.74 -7.23
C PHE A 99 19.86 10.55 -7.79
N THR A 100 19.28 11.60 -8.37
CA THR A 100 17.94 11.52 -8.95
C THR A 100 17.88 10.37 -9.94
N ASP A 101 18.98 10.16 -10.66
CA ASP A 101 19.03 9.07 -11.63
C ASP A 101 19.19 7.76 -10.87
N ALA A 102 19.97 7.79 -9.80
CA ALA A 102 20.20 6.61 -8.97
C ALA A 102 18.90 6.14 -8.33
N LEU A 103 17.96 7.08 -8.13
CA LEU A 103 16.66 6.76 -7.54
C LEU A 103 15.72 6.17 -8.59
N VAL A 104 15.63 6.82 -9.74
CA VAL A 104 14.78 6.34 -10.83
C VAL A 104 15.20 4.93 -11.25
N THR A 105 16.49 4.65 -11.15
CA THR A 105 17.04 3.35 -11.49
C THR A 105 16.72 2.29 -10.44
N ILE A 106 16.67 2.69 -9.18
CA ILE A 106 16.34 1.75 -8.10
C ILE A 106 14.85 1.44 -8.09
N ARG A 107 14.05 2.46 -8.37
CA ARG A 107 12.60 2.29 -8.38
C ARG A 107 12.19 1.23 -9.39
N ASN A 108 12.70 1.35 -10.61
CA ASN A 108 12.37 0.42 -11.67
C ASN A 108 12.94 -0.98 -11.42
N ARG A 109 14.03 -1.05 -10.67
CA ARG A 109 14.64 -2.33 -10.34
C ARG A 109 13.71 -3.18 -9.46
N HIS A 110 12.84 -2.50 -8.71
CA HIS A 110 11.89 -3.16 -7.81
C HIS A 110 10.44 -3.17 -8.30
N ASN A 111 10.21 -2.70 -9.52
CA ASN A 111 8.84 -2.62 -10.06
C ASN A 111 7.98 -3.90 -10.05
N ASP A 112 8.63 -5.05 -10.09
CA ASP A 112 7.88 -6.31 -10.12
C ASP A 112 7.99 -7.13 -8.84
N VAL A 113 8.24 -6.45 -7.71
CA VAL A 113 8.39 -7.15 -6.43
C VAL A 113 7.11 -7.80 -5.97
N VAL A 114 5.96 -7.19 -6.30
CA VAL A 114 4.69 -7.76 -5.86
C VAL A 114 4.43 -9.11 -6.54
N PRO A 115 4.43 -9.16 -7.88
CA PRO A 115 4.18 -10.44 -8.56
C PRO A 115 5.21 -11.48 -8.13
N THR A 116 6.47 -11.02 -8.04
CA THR A 116 7.58 -11.86 -7.65
C THR A 116 7.35 -12.48 -6.28
N MET A 117 6.94 -11.65 -5.33
CA MET A 117 6.69 -12.13 -3.97
C MET A 117 5.46 -13.02 -3.88
N ALA A 118 4.49 -12.78 -4.75
CA ALA A 118 3.26 -13.59 -4.76
C ALA A 118 3.60 -15.01 -5.20
N GLN A 119 4.61 -15.10 -6.05
CA GLN A 119 5.08 -16.37 -6.57
C GLN A 119 5.64 -17.18 -5.40
N GLY A 120 6.32 -16.51 -4.47
CA GLY A 120 6.86 -17.18 -3.32
C GLY A 120 5.76 -17.75 -2.44
N VAL A 121 4.66 -17.02 -2.34
CA VAL A 121 3.53 -17.47 -1.54
C VAL A 121 3.01 -18.79 -2.11
N LEU A 122 2.87 -18.85 -3.43
CA LEU A 122 2.39 -20.06 -4.08
C LEU A 122 3.40 -21.18 -3.87
N GLU A 123 4.68 -20.88 -4.07
CA GLU A 123 5.74 -21.86 -3.87
C GLU A 123 5.56 -22.47 -2.48
N TYR A 124 5.31 -21.61 -1.49
CA TYR A 124 5.14 -22.06 -0.11
C TYR A 124 3.88 -22.92 0.09
N LYS A 125 2.76 -22.48 -0.47
CA LYS A 125 1.50 -23.22 -0.33
C LYS A 125 1.65 -24.65 -0.82
N ASP A 126 2.29 -24.82 -1.96
CA ASP A 126 2.48 -26.14 -2.56
C ASP A 126 3.65 -26.93 -1.97
N THR A 127 4.61 -26.20 -1.41
CA THR A 127 5.78 -26.85 -0.83
C THR A 127 5.61 -27.24 0.63
N TYR A 128 4.92 -26.40 1.41
CA TYR A 128 4.71 -26.68 2.84
C TYR A 128 3.27 -26.71 3.32
N GLY A 129 2.33 -26.35 2.45
CA GLY A 129 0.92 -26.38 2.84
C GLY A 129 0.39 -25.04 3.30
N ASP A 130 -0.94 -24.92 3.34
CA ASP A 130 -1.58 -23.68 3.75
C ASP A 130 -2.35 -23.79 5.07
N ASP A 131 -1.62 -23.74 6.17
CA ASP A 131 -2.20 -23.82 7.50
C ASP A 131 -2.19 -22.44 8.16
N PRO A 132 -2.99 -22.25 9.21
CA PRO A 132 -3.07 -20.97 9.93
C PRO A 132 -1.74 -20.32 10.35
N VAL A 133 -0.82 -21.10 10.93
CA VAL A 133 0.45 -20.52 11.35
C VAL A 133 1.25 -20.01 10.16
N SER A 134 1.19 -20.73 9.04
CA SER A 134 1.91 -20.31 7.84
C SER A 134 1.26 -19.00 7.37
N ASN A 135 -0.07 -19.03 7.29
CA ASN A 135 -0.86 -17.87 6.87
C ASN A 135 -0.55 -16.64 7.71
N GLN A 136 -0.50 -16.86 9.02
CA GLN A 136 -0.22 -15.83 10.01
C GLN A 136 1.16 -15.19 9.79
N ASN A 137 2.19 -16.02 9.74
CA ASN A 137 3.56 -15.54 9.54
C ASN A 137 3.73 -14.82 8.21
N ILE A 138 3.12 -15.35 7.16
CA ILE A 138 3.19 -14.73 5.83
C ILE A 138 2.45 -13.39 5.88
N GLN A 139 1.26 -13.41 6.49
CA GLN A 139 0.43 -12.22 6.63
C GLN A 139 1.20 -11.14 7.36
N TYR A 140 1.76 -11.51 8.50
CA TYR A 140 2.54 -10.59 9.32
C TYR A 140 3.69 -9.97 8.53
N PHE A 141 4.48 -10.81 7.87
CA PHE A 141 5.62 -10.37 7.10
C PHE A 141 5.30 -9.61 5.82
N LEU A 142 4.36 -10.12 5.03
CA LEU A 142 4.03 -9.42 3.79
C LEU A 142 3.42 -8.05 4.09
N ASP A 143 2.62 -7.95 5.14
CA ASP A 143 2.05 -6.65 5.49
C ASP A 143 3.17 -5.66 5.76
N ARG A 144 4.15 -6.05 6.59
CA ARG A 144 5.25 -5.17 6.91
C ARG A 144 6.13 -4.88 5.69
N PHE A 145 6.47 -5.92 4.95
CA PHE A 145 7.32 -5.80 3.78
C PHE A 145 6.70 -4.82 2.79
N TYR A 146 5.42 -5.04 2.49
CA TYR A 146 4.75 -4.17 1.55
C TYR A 146 4.60 -2.73 2.06
N LEU A 147 4.27 -2.53 3.35
CA LEU A 147 4.16 -1.15 3.85
C LEU A 147 5.55 -0.53 3.75
N SER A 148 6.57 -1.29 4.11
CA SER A 148 7.94 -0.81 4.01
C SER A 148 8.16 -0.32 2.58
N ARG A 149 7.80 -1.16 1.59
CA ARG A 149 7.97 -0.79 0.18
C ARG A 149 7.21 0.49 -0.19
N ILE A 150 5.93 0.54 0.20
CA ILE A 150 5.12 1.71 -0.08
C ILE A 150 5.80 2.99 0.43
N SER A 151 6.30 2.97 1.66
CA SER A 151 6.95 4.14 2.26
C SER A 151 8.24 4.53 1.53
N ILE A 152 8.98 3.54 1.04
CA ILE A 152 10.21 3.84 0.30
C ILE A 152 9.87 4.45 -1.05
N ARG A 153 8.87 3.89 -1.73
CA ARG A 153 8.49 4.46 -3.02
C ARG A 153 7.95 5.87 -2.89
N MET A 154 7.27 6.15 -1.77
CA MET A 154 6.71 7.48 -1.52
C MET A 154 7.85 8.49 -1.54
N LEU A 155 8.86 8.24 -0.72
CA LEU A 155 10.01 9.16 -0.65
C LEU A 155 10.63 9.36 -2.04
N ILE A 156 10.95 8.25 -2.70
CA ILE A 156 11.54 8.30 -4.03
C ILE A 156 10.71 9.09 -5.02
N ASN A 157 9.40 8.86 -5.03
CA ASN A 157 8.55 9.58 -5.95
C ASN A 157 8.50 11.06 -5.61
N GLN A 158 8.54 11.39 -4.32
CA GLN A 158 8.50 12.80 -3.91
C GLN A 158 9.74 13.54 -4.40
N HIS A 159 10.89 12.88 -4.34
CA HIS A 159 12.14 13.48 -4.78
C HIS A 159 12.20 13.59 -6.30
N THR A 160 12.08 12.46 -6.98
CA THR A 160 12.14 12.44 -8.43
C THR A 160 11.12 13.38 -9.09
N LEU A 161 9.90 13.43 -8.56
CA LEU A 161 8.87 14.30 -9.12
C LEU A 161 9.11 15.78 -8.86
N ILE A 162 9.46 16.13 -7.63
CA ILE A 162 9.71 17.52 -7.24
C ILE A 162 10.95 18.15 -7.89
N PHE A 163 11.94 17.33 -8.24
CA PHE A 163 13.16 17.86 -8.84
C PHE A 163 13.38 17.50 -10.30
N ASP A 164 12.35 16.93 -10.93
CA ASP A 164 12.40 16.54 -12.35
C ASP A 164 13.65 17.02 -13.09
N LYS A 173 1.01 23.58 -7.75
CA LYS A 173 -0.28 23.03 -7.34
C LYS A 173 -0.09 21.71 -6.60
N HIS A 174 0.67 20.80 -7.20
CA HIS A 174 0.94 19.52 -6.58
C HIS A 174 2.37 19.53 -6.03
N ILE A 175 2.55 18.95 -4.85
CA ILE A 175 3.88 18.87 -4.26
C ILE A 175 4.29 17.41 -4.38
N GLY A 176 4.89 17.09 -5.52
CA GLY A 176 5.32 15.72 -5.77
C GLY A 176 4.11 14.90 -6.17
N SER A 177 3.76 13.92 -5.35
CA SER A 177 2.59 13.09 -5.63
C SER A 177 1.47 13.48 -4.69
N ILE A 178 1.63 14.62 -4.03
CA ILE A 178 0.65 15.11 -3.07
C ILE A 178 -0.22 16.26 -3.59
N ASP A 179 -1.54 16.11 -3.44
CA ASP A 179 -2.46 17.14 -3.86
C ASP A 179 -2.96 17.79 -2.58
N PRO A 180 -2.66 19.08 -2.39
CA PRO A 180 -3.10 19.76 -1.18
C PRO A 180 -4.58 20.14 -1.21
N ASN A 181 -5.20 19.98 -2.38
CA ASN A 181 -6.63 20.27 -2.57
C ASN A 181 -7.32 19.13 -3.30
N CYS A 182 -7.02 17.91 -2.90
CA CYS A 182 -7.59 16.72 -3.51
C CYS A 182 -9.11 16.66 -3.35
N ASN A 183 -9.83 16.68 -4.48
CA ASN A 183 -11.29 16.60 -4.46
C ASN A 183 -11.66 15.12 -4.52
N VAL A 184 -11.93 14.55 -3.35
CA VAL A 184 -12.24 13.14 -3.25
C VAL A 184 -13.29 12.62 -4.24
N SER A 185 -14.38 13.35 -4.41
CA SER A 185 -15.44 12.93 -5.33
C SER A 185 -14.98 12.83 -6.76
N GLU A 186 -13.97 13.62 -7.13
CA GLU A 186 -13.47 13.59 -8.51
C GLU A 186 -12.65 12.32 -8.69
N VAL A 187 -11.88 11.98 -7.66
CA VAL A 187 -11.07 10.76 -7.72
C VAL A 187 -11.98 9.55 -7.70
N VAL A 188 -13.14 9.69 -7.07
CA VAL A 188 -14.11 8.60 -7.03
C VAL A 188 -14.60 8.37 -8.44
N LYS A 189 -15.04 9.43 -9.10
CA LYS A 189 -15.54 9.33 -10.47
C LYS A 189 -14.53 8.72 -11.43
N ASP A 190 -13.25 9.10 -11.28
CA ASP A 190 -12.20 8.58 -12.15
C ASP A 190 -12.01 7.07 -12.01
N ALA A 191 -11.90 6.59 -10.78
CA ALA A 191 -11.72 5.15 -10.53
C ALA A 191 -12.93 4.41 -11.08
N TYR A 192 -14.08 5.03 -10.95
CA TYR A 192 -15.33 4.46 -11.44
C TYR A 192 -15.30 4.32 -12.96
N ASP A 193 -15.06 5.43 -13.66
CA ASP A 193 -15.01 5.41 -15.13
C ASP A 193 -14.09 4.31 -15.65
N MET A 194 -12.94 4.16 -15.04
CA MET A 194 -11.98 3.13 -15.46
C MET A 194 -12.52 1.73 -15.25
N ALA A 195 -13.07 1.48 -14.06
CA ALA A 195 -13.61 0.16 -13.77
C ALA A 195 -14.77 -0.10 -14.73
N LYS A 196 -15.63 0.91 -14.93
CA LYS A 196 -16.79 0.79 -15.83
C LYS A 196 -16.37 0.35 -17.24
N LEU A 197 -15.34 1.01 -17.77
CA LEU A 197 -14.81 0.70 -19.08
C LEU A 197 -14.39 -0.76 -19.17
N LEU A 198 -13.74 -1.27 -18.14
CA LEU A 198 -13.29 -2.67 -18.14
C LEU A 198 -14.46 -3.61 -17.97
N CYS A 199 -15.41 -3.19 -17.15
CA CYS A 199 -16.60 -3.99 -16.88
C CYS A 199 -17.42 -4.09 -18.15
N ASP A 200 -17.51 -2.98 -18.88
CA ASP A 200 -18.26 -2.96 -20.14
C ASP A 200 -17.65 -3.89 -21.18
N LYS A 201 -16.32 -3.89 -21.31
CA LYS A 201 -15.67 -4.76 -22.27
C LYS A 201 -15.89 -6.23 -21.96
N TYR A 202 -15.64 -6.61 -20.71
CA TYR A 202 -15.75 -7.99 -20.29
C TYR A 202 -17.18 -8.52 -20.09
N TYR A 203 -18.08 -7.70 -19.58
CA TYR A 203 -19.45 -8.15 -19.36
C TYR A 203 -20.48 -7.48 -20.27
N MET A 204 -20.10 -6.38 -20.90
CA MET A 204 -21.00 -5.67 -21.80
C MET A 204 -22.28 -5.21 -21.09
N ALA A 205 -22.10 -4.82 -19.83
CA ALA A 205 -23.16 -4.31 -18.97
C ALA A 205 -22.42 -3.87 -17.70
N SER A 206 -22.89 -2.79 -17.08
CA SER A 206 -22.23 -2.28 -15.90
C SER A 206 -23.19 -1.41 -15.10
N PRO A 207 -23.07 -1.43 -13.77
CA PRO A 207 -23.94 -0.62 -12.90
C PRO A 207 -23.53 0.84 -12.94
N ASP A 208 -24.46 1.73 -12.63
CA ASP A 208 -24.17 3.16 -12.62
C ASP A 208 -23.58 3.59 -11.27
N LEU A 209 -23.36 4.90 -11.12
CA LEU A 209 -22.79 5.42 -9.90
C LEU A 209 -23.56 6.58 -9.31
N GLU A 210 -23.75 6.54 -8.00
CA GLU A 210 -24.40 7.61 -7.30
C GLU A 210 -23.38 8.00 -6.25
N ILE A 211 -23.19 9.30 -6.05
CA ILE A 211 -22.26 9.77 -5.05
C ILE A 211 -23.04 10.74 -4.21
N GLN A 212 -22.65 10.87 -2.95
CA GLN A 212 -23.30 11.78 -2.04
C GLN A 212 -22.25 12.22 -1.06
N GLU A 213 -22.22 13.51 -0.77
CA GLU A 213 -21.25 14.05 0.16
C GLU A 213 -21.94 14.54 1.43
N ILE A 214 -21.23 14.45 2.54
CA ILE A 214 -21.71 14.89 3.84
C ILE A 214 -20.58 15.68 4.47
N ASN A 215 -20.54 16.98 4.21
CA ASN A 215 -19.49 17.81 4.79
C ASN A 215 -20.07 18.35 6.09
N ALA A 216 -19.92 17.57 7.16
CA ALA A 216 -20.44 17.92 8.48
C ALA A 216 -20.36 19.39 8.89
N ALA A 217 -19.14 19.93 8.96
CA ALA A 217 -18.92 21.31 9.38
C ALA A 217 -19.38 22.39 8.38
N ASN A 218 -19.24 22.13 7.09
CA ASN A 218 -19.64 23.09 6.06
C ASN A 218 -20.57 22.44 5.05
N SER A 219 -21.84 22.35 5.42
CA SER A 219 -22.90 21.74 4.63
C SER A 219 -22.78 21.62 3.11
N LYS A 220 -22.30 22.64 2.41
CA LYS A 220 -22.22 22.50 0.95
C LYS A 220 -20.87 22.66 0.29
N GLN A 221 -19.86 23.07 1.03
CA GLN A 221 -18.54 23.22 0.44
C GLN A 221 -18.09 21.83 -0.02
N PRO A 222 -17.60 21.72 -1.26
CA PRO A 222 -17.13 20.42 -1.77
C PRO A 222 -16.09 19.83 -0.82
N ILE A 223 -16.01 18.51 -0.78
CA ILE A 223 -15.05 17.88 0.11
C ILE A 223 -13.68 17.75 -0.52
N HIS A 224 -12.72 18.45 0.09
CA HIS A 224 -11.32 18.46 -0.35
C HIS A 224 -10.46 17.98 0.82
N MET A 225 -9.28 17.47 0.51
CA MET A 225 -8.36 17.01 1.53
C MET A 225 -6.97 17.04 0.95
N VAL A 226 -5.97 16.93 1.82
CA VAL A 226 -4.59 16.90 1.40
C VAL A 226 -4.26 15.41 1.36
N TYR A 227 -3.99 14.87 0.17
CA TYR A 227 -3.66 13.45 0.10
C TYR A 227 -2.88 13.12 -1.15
N VAL A 228 -2.55 11.84 -1.32
CA VAL A 228 -1.84 11.34 -2.50
C VAL A 228 -2.93 10.71 -3.39
N PRO A 229 -3.43 11.46 -4.38
CA PRO A 229 -4.49 10.94 -5.25
C PRO A 229 -4.29 9.56 -5.86
N SER A 230 -3.10 9.27 -6.37
CA SER A 230 -2.87 7.97 -6.96
C SER A 230 -3.08 6.83 -5.95
N HIS A 231 -2.78 7.08 -4.68
CA HIS A 231 -2.98 6.06 -3.64
C HIS A 231 -4.47 5.80 -3.44
N LEU A 232 -5.24 6.89 -3.41
CA LEU A 232 -6.68 6.82 -3.21
C LEU A 232 -7.36 6.20 -4.43
N TYR A 233 -6.86 6.52 -5.62
CA TYR A 233 -7.39 5.97 -6.88
C TYR A 233 -7.20 4.45 -6.86
N HIS A 234 -6.03 4.01 -6.41
CA HIS A 234 -5.74 2.58 -6.35
C HIS A 234 -6.79 1.87 -5.50
N MET A 235 -6.99 2.35 -4.27
CA MET A 235 -7.97 1.73 -3.38
C MET A 235 -9.36 1.69 -3.99
N LEU A 236 -9.83 2.84 -4.45
CA LEU A 236 -11.16 2.95 -5.05
C LEU A 236 -11.35 2.08 -6.29
N PHE A 237 -10.34 2.06 -7.16
CA PHE A 237 -10.42 1.25 -8.38
C PHE A 237 -10.56 -0.23 -8.02
N GLU A 238 -9.79 -0.68 -7.04
CA GLU A 238 -9.86 -2.07 -6.63
C GLU A 238 -11.24 -2.42 -6.12
N LEU A 239 -11.84 -1.52 -5.34
CA LEU A 239 -13.15 -1.77 -4.78
C LEU A 239 -14.24 -1.71 -5.84
N PHE A 240 -14.14 -0.75 -6.76
CA PHE A 240 -15.14 -0.65 -7.81
C PHE A 240 -15.14 -1.92 -8.66
N LYS A 241 -13.97 -2.44 -8.96
CA LYS A 241 -13.90 -3.67 -9.74
C LYS A 241 -14.64 -4.81 -9.07
N ASN A 242 -14.36 -5.05 -7.79
CA ASN A 242 -15.03 -6.12 -7.06
C ASN A 242 -16.53 -5.89 -6.97
N ALA A 243 -16.92 -4.67 -6.66
CA ALA A 243 -18.33 -4.35 -6.54
C ALA A 243 -19.04 -4.48 -7.89
N MET A 244 -18.31 -4.22 -8.97
CA MET A 244 -18.91 -4.34 -10.30
C MET A 244 -19.03 -5.79 -10.70
N ARG A 245 -17.96 -6.55 -10.52
CA ARG A 245 -17.97 -7.96 -10.87
C ARG A 245 -19.12 -8.68 -10.16
N ALA A 246 -19.28 -8.40 -8.87
CA ALA A 246 -20.32 -9.03 -8.07
C ALA A 246 -21.74 -8.57 -8.40
N THR A 247 -21.94 -7.29 -8.70
CA THR A 247 -23.28 -6.78 -9.01
C THR A 247 -23.77 -7.38 -10.33
N VAL A 248 -22.86 -7.46 -11.29
CA VAL A 248 -23.13 -7.99 -12.62
C VAL A 248 -23.41 -9.49 -12.55
N GLU A 249 -22.48 -10.23 -11.95
CA GLU A 249 -22.61 -11.66 -11.85
C GLU A 249 -23.79 -12.16 -11.02
N SER A 250 -24.15 -11.43 -9.97
CA SER A 250 -25.26 -11.84 -9.11
C SER A 250 -26.60 -11.49 -9.74
N HIS A 251 -26.58 -10.65 -10.78
CA HIS A 251 -27.84 -10.25 -11.45
C HIS A 251 -27.90 -10.65 -12.94
N GLU A 252 -27.32 -11.83 -13.29
CA GLU A 252 -27.20 -12.36 -14.66
C GLU A 252 -28.56 -12.91 -15.10
N SER A 253 -29.57 -12.70 -14.25
CA SER A 253 -30.76 -13.33 -14.69
C SER A 253 -31.76 -12.41 -14.25
N SER A 254 -31.30 -11.21 -14.00
CA SER A 254 -32.25 -10.22 -13.54
C SER A 254 -32.01 -9.26 -14.61
N LEU A 255 -32.90 -8.32 -14.75
CA LEU A 255 -32.73 -7.35 -15.75
C LEU A 255 -32.30 -6.11 -15.05
N ILE A 256 -32.88 -5.89 -13.88
CA ILE A 256 -32.47 -4.74 -13.11
C ILE A 256 -31.00 -4.99 -12.79
N LEU A 257 -30.33 -3.90 -12.46
CA LEU A 257 -28.88 -3.89 -12.19
C LEU A 257 -28.71 -2.65 -11.36
N PRO A 258 -28.67 -2.85 -10.05
CA PRO A 258 -28.52 -1.70 -9.19
C PRO A 258 -27.22 -1.00 -9.28
N PRO A 259 -27.29 0.24 -8.89
CA PRO A 259 -26.10 1.05 -8.91
C PRO A 259 -25.23 0.84 -7.70
N ILE A 260 -24.01 1.28 -7.86
CA ILE A 260 -23.03 1.24 -6.81
C ILE A 260 -23.12 2.62 -6.18
N LYS A 261 -23.37 2.68 -4.88
CA LYS A 261 -23.49 3.96 -4.20
C LYS A 261 -22.28 4.27 -3.35
N VAL A 262 -21.82 5.51 -3.43
CA VAL A 262 -20.67 5.91 -2.69
C VAL A 262 -21.01 7.13 -1.87
N MET A 263 -20.59 7.13 -0.62
CA MET A 263 -20.78 8.29 0.23
C MET A 263 -19.44 8.75 0.72
N VAL A 264 -19.21 10.06 0.60
CA VAL A 264 -18.00 10.66 1.09
C VAL A 264 -18.44 11.55 2.23
N ALA A 265 -17.96 11.23 3.43
CA ALA A 265 -18.30 11.98 4.63
C ALA A 265 -17.04 12.56 5.26
N LEU A 266 -17.10 13.83 5.62
CA LEU A 266 -15.98 14.52 6.24
C LEU A 266 -16.36 15.00 7.63
N GLY A 267 -15.70 14.42 8.64
CA GLY A 267 -15.94 14.79 10.02
C GLY A 267 -14.77 15.58 10.59
N GLU A 268 -14.76 15.84 11.90
CA GLU A 268 -13.68 16.62 12.51
C GLU A 268 -12.29 16.04 12.26
N GLU A 269 -12.13 14.73 12.42
CA GLU A 269 -10.83 14.12 12.19
C GLU A 269 -10.82 13.04 11.11
N ASP A 270 -11.98 12.47 10.79
CA ASP A 270 -12.06 11.42 9.77
C ASP A 270 -12.70 11.90 8.46
N LEU A 271 -12.24 11.30 7.37
CA LEU A 271 -12.79 11.54 6.03
C LEU A 271 -13.07 10.10 5.60
N SER A 272 -14.36 9.74 5.53
CA SER A 272 -14.73 8.37 5.18
C SER A 272 -15.44 8.21 3.84
N ILE A 273 -15.12 7.11 3.17
CA ILE A 273 -15.70 6.80 1.87
C ILE A 273 -16.29 5.41 1.90
N LYS A 274 -17.62 5.33 1.76
CA LYS A 274 -18.27 4.04 1.77
C LYS A 274 -18.79 3.72 0.39
N MET A 275 -18.54 2.50 -0.06
CA MET A 275 -19.00 2.04 -1.35
C MET A 275 -19.92 0.86 -1.11
N SER A 276 -21.20 1.03 -1.42
CA SER A 276 -22.19 -0.01 -1.22
C SER A 276 -22.69 -0.60 -2.52
N ASP A 277 -22.62 -1.92 -2.64
CA ASP A 277 -23.12 -2.61 -3.82
C ASP A 277 -24.14 -3.65 -3.39
N ARG A 278 -24.95 -4.12 -4.34
CA ARG A 278 -25.96 -5.12 -4.06
C ARG A 278 -25.61 -6.35 -4.87
N GLY A 279 -24.34 -6.72 -4.82
CA GLY A 279 -23.84 -7.85 -5.58
C GLY A 279 -23.94 -9.22 -4.95
N GLY A 280 -24.94 -9.44 -4.11
CA GLY A 280 -25.08 -10.75 -3.51
C GLY A 280 -24.49 -10.90 -2.12
N GLY A 281 -23.42 -10.17 -1.83
CA GLY A 281 -22.82 -10.28 -0.52
C GLY A 281 -21.96 -11.51 -0.40
N VAL A 282 -21.23 -11.62 0.70
CA VAL A 282 -20.34 -12.75 0.94
C VAL A 282 -20.48 -13.20 2.40
N PRO A 283 -20.36 -14.52 2.66
CA PRO A 283 -20.47 -15.06 4.02
C PRO A 283 -19.38 -14.47 4.90
N LEU A 284 -19.71 -14.17 6.15
CA LEU A 284 -18.73 -13.60 7.08
C LEU A 284 -17.42 -14.38 7.05
N ARG A 285 -17.51 -15.71 7.05
CA ARG A 285 -16.30 -16.53 7.04
C ARG A 285 -15.34 -16.33 5.88
N LYS A 286 -15.85 -15.94 4.71
CA LYS A 286 -14.97 -15.74 3.58
C LYS A 286 -14.36 -14.34 3.58
N ILE A 287 -15.07 -13.37 4.17
CA ILE A 287 -14.57 -12.00 4.22
C ILE A 287 -13.19 -12.01 4.87
N GLU A 288 -13.11 -12.65 6.03
CA GLU A 288 -11.86 -12.76 6.80
C GLU A 288 -10.70 -13.25 5.92
N ARG A 289 -11.03 -14.05 4.90
CA ARG A 289 -10.02 -14.60 4.00
C ARG A 289 -9.74 -13.73 2.78
N LEU A 290 -10.54 -12.69 2.57
CA LEU A 290 -10.35 -11.81 1.43
C LEU A 290 -9.11 -10.93 1.55
N PHE A 291 -8.65 -10.67 2.77
CA PHE A 291 -7.45 -9.84 2.96
C PHE A 291 -6.19 -10.64 3.24
N SER A 292 -6.27 -11.96 3.06
CA SER A 292 -5.14 -12.84 3.30
C SER A 292 -4.36 -13.15 2.02
N TYR A 293 -3.07 -12.86 2.03
CA TYR A 293 -2.22 -13.11 0.86
C TYR A 293 -2.20 -14.59 0.50
N MET A 294 -2.09 -15.44 1.52
CA MET A 294 -2.03 -16.87 1.26
C MET A 294 -3.25 -17.47 0.59
N TYR A 295 -4.41 -17.24 1.20
CA TYR A 295 -5.65 -17.79 0.67
C TYR A 295 -6.14 -17.11 -0.60
N SER A 296 -5.69 -15.90 -0.88
CA SER A 296 -6.12 -15.20 -2.08
C SER A 296 -5.12 -15.42 -3.21
N THR A 297 -4.30 -16.45 -3.07
CA THR A 297 -3.29 -16.78 -4.08
C THR A 297 -3.63 -18.10 -4.79
N ALA A 298 -3.34 -18.14 -6.09
CA ALA A 298 -3.60 -19.32 -6.91
C ALA A 298 -2.79 -19.22 -8.21
N PRO A 299 -2.84 -20.26 -9.06
CA PRO A 299 -3.58 -21.52 -8.91
C PRO A 299 -3.06 -22.39 -7.77
N GLY A 314 -6.13 -11.50 -7.19
CA GLY A 314 -4.87 -10.80 -6.95
C GLY A 314 -4.79 -10.28 -5.53
N TYR A 315 -3.85 -9.37 -5.29
CA TYR A 315 -3.66 -8.79 -3.96
C TYR A 315 -4.23 -7.37 -3.86
N GLY A 316 -5.26 -7.09 -4.66
CA GLY A 316 -5.87 -5.78 -4.67
C GLY A 316 -6.35 -5.33 -3.29
N LEU A 317 -7.09 -6.20 -2.62
CA LEU A 317 -7.62 -5.86 -1.31
C LEU A 317 -6.55 -5.74 -0.20
N PRO A 318 -5.76 -6.81 0.03
CA PRO A 318 -4.74 -6.68 1.09
C PRO A 318 -3.81 -5.47 0.94
N ILE A 319 -3.42 -5.18 -0.29
CA ILE A 319 -2.54 -4.05 -0.57
C ILE A 319 -3.28 -2.71 -0.54
N SER A 320 -4.52 -2.68 -0.99
CA SER A 320 -5.27 -1.42 -0.95
C SER A 320 -5.37 -0.99 0.51
N ARG A 321 -5.51 -1.96 1.41
CA ARG A 321 -5.61 -1.68 2.82
C ARG A 321 -4.31 -1.12 3.42
N LEU A 322 -3.16 -1.57 2.91
CA LEU A 322 -1.90 -1.07 3.40
C LEU A 322 -1.81 0.39 2.96
N TYR A 323 -2.32 0.71 1.79
CA TYR A 323 -2.30 2.11 1.34
C TYR A 323 -3.14 3.00 2.26
N ALA A 324 -4.22 2.43 2.80
CA ALA A 324 -5.10 3.16 3.70
C ALA A 324 -4.37 3.38 5.02
N LYS A 325 -3.74 2.31 5.53
CA LYS A 325 -3.01 2.34 6.80
C LYS A 325 -1.72 3.15 6.75
N TYR A 326 -1.10 3.22 5.58
CA TYR A 326 0.16 3.94 5.44
C TYR A 326 0.12 5.33 6.09
N PHE A 327 -1.00 6.04 5.95
CA PHE A 327 -1.16 7.36 6.55
C PHE A 327 -2.20 7.35 7.68
N GLN A 328 -2.16 6.30 8.50
CA GLN A 328 -3.06 6.15 9.64
C GLN A 328 -4.54 5.90 9.32
N GLY A 329 -4.85 5.49 8.10
CA GLY A 329 -6.23 5.21 7.76
C GLY A 329 -6.49 3.72 7.87
N ASP A 330 -7.54 3.23 7.21
CA ASP A 330 -7.88 1.80 7.23
C ASP A 330 -8.83 1.52 6.06
N LEU A 331 -9.09 0.24 5.80
CA LEU A 331 -10.02 -0.13 4.75
C LEU A 331 -10.74 -1.35 5.29
N GLN A 332 -12.07 -1.27 5.43
CA GLN A 332 -12.78 -2.40 5.98
C GLN A 332 -13.93 -2.88 5.12
N LEU A 333 -14.31 -4.13 5.30
CA LEU A 333 -15.40 -4.69 4.54
C LEU A 333 -16.41 -5.33 5.47
N PHE A 334 -17.66 -5.26 5.06
CA PHE A 334 -18.77 -5.88 5.77
C PHE A 334 -19.92 -6.07 4.80
N SER A 335 -20.31 -7.31 4.58
CA SER A 335 -21.43 -7.51 3.66
C SER A 335 -22.53 -8.27 4.36
N MET A 336 -23.61 -8.49 3.62
CA MET A 336 -24.80 -9.20 4.10
C MET A 336 -24.99 -10.29 3.06
N GLU A 337 -24.76 -11.53 3.44
CA GLU A 337 -24.93 -12.58 2.45
C GLU A 337 -26.36 -12.56 1.95
N GLY A 338 -26.51 -12.57 0.63
CA GLY A 338 -27.82 -12.55 0.01
C GLY A 338 -28.29 -11.15 -0.34
N PHE A 339 -27.43 -10.15 -0.15
CA PHE A 339 -27.80 -8.77 -0.45
C PHE A 339 -26.70 -7.94 -1.09
N GLY A 340 -25.65 -7.62 -0.33
CA GLY A 340 -24.59 -6.80 -0.87
C GLY A 340 -23.42 -6.60 0.06
N THR A 341 -22.54 -5.68 -0.30
CA THR A 341 -21.35 -5.43 0.52
C THR A 341 -21.01 -3.96 0.63
N ASP A 342 -20.55 -3.57 1.82
CA ASP A 342 -20.11 -2.19 2.04
C ASP A 342 -18.61 -2.27 2.24
N ALA A 343 -17.89 -1.36 1.61
CA ALA A 343 -16.45 -1.30 1.74
C ALA A 343 -16.24 0.13 2.17
N VAL A 344 -15.41 0.32 3.19
CA VAL A 344 -15.17 1.66 3.68
C VAL A 344 -13.70 1.96 3.85
N ILE A 345 -13.31 3.11 3.32
CA ILE A 345 -11.94 3.61 3.43
C ILE A 345 -11.93 4.75 4.44
N TYR A 346 -11.13 4.61 5.50
CA TYR A 346 -10.99 5.63 6.53
C TYR A 346 -9.65 6.31 6.35
N LEU A 347 -9.68 7.62 6.13
CA LEU A 347 -8.46 8.43 5.97
C LEU A 347 -8.55 9.53 7.03
N LYS A 348 -7.40 10.10 7.39
CA LYS A 348 -7.39 11.18 8.36
C LYS A 348 -7.79 12.43 7.59
N ALA A 349 -8.64 13.26 8.19
CA ALA A 349 -9.07 14.51 7.56
C ALA A 349 -7.99 15.59 7.62
N LEU A 350 -7.21 15.63 8.70
CA LEU A 350 -6.17 16.64 8.88
C LEU A 350 -4.76 16.16 8.46
N SER A 351 -4.07 17.01 7.71
CA SER A 351 -2.72 16.66 7.26
C SER A 351 -1.83 16.50 8.47
N THR A 352 -2.25 17.07 9.59
CA THR A 352 -1.49 16.97 10.82
C THR A 352 -1.46 15.52 11.31
N ASP A 353 -2.61 14.85 11.17
CA ASP A 353 -2.77 13.47 11.62
C ASP A 353 -2.30 12.42 10.60
N SER A 354 -1.99 12.86 9.38
CA SER A 354 -1.55 11.96 8.32
C SER A 354 -0.05 11.72 8.39
N VAL A 355 0.34 10.85 9.31
CA VAL A 355 1.74 10.52 9.51
C VAL A 355 2.02 9.09 9.09
N GLU A 356 3.14 8.90 8.40
CA GLU A 356 3.53 7.58 7.93
C GLU A 356 3.43 6.50 9.00
N ARG A 357 2.87 5.35 8.60
CA ARG A 357 2.72 4.19 9.45
C ARG A 357 3.85 3.26 8.97
N LEU A 358 4.94 3.21 9.72
CA LEU A 358 6.11 2.42 9.36
C LEU A 358 6.44 1.23 10.26
N PRO A 359 6.84 0.10 9.66
CA PRO A 359 7.19 -1.06 10.47
C PRO A 359 8.67 -0.93 10.84
N VAL A 360 9.02 -1.30 12.08
CA VAL A 360 10.40 -1.21 12.52
C VAL A 360 10.91 -2.51 13.12
N TYR A 361 12.21 -2.75 12.98
CA TYR A 361 12.84 -3.95 13.51
C TYR A 361 13.26 -3.77 14.97
N ASN A 362 12.65 -4.51 15.86
CA ASN A 362 12.97 -4.46 17.29
C ASN A 362 12.86 -5.87 17.86
N LYS A 363 13.05 -6.00 19.18
CA LYS A 363 12.93 -7.29 19.83
C LYS A 363 11.44 -7.62 19.84
N SER A 364 10.64 -6.58 19.63
CA SER A 364 9.18 -6.70 19.59
C SER A 364 8.72 -7.45 18.34
N ALA A 365 9.22 -7.01 17.20
CA ALA A 365 8.87 -7.62 15.91
C ALA A 365 9.39 -9.05 15.82
N TRP A 366 10.50 -9.32 16.51
CA TRP A 366 11.12 -10.65 16.49
C TRP A 366 10.21 -11.79 16.96
N ARG A 367 9.56 -11.60 18.12
CA ARG A 367 8.69 -12.63 18.68
C ARG A 367 7.35 -12.88 17.99
N HIS A 368 7.06 -12.13 16.93
CA HIS A 368 5.81 -12.33 16.20
C HIS A 368 6.01 -13.49 15.23
N TYR A 369 7.27 -13.92 15.12
CA TYR A 369 7.64 -15.02 14.24
C TYR A 369 7.93 -16.28 15.05
N GLN A 370 7.65 -16.21 16.35
CA GLN A 370 7.89 -17.36 17.22
C GLN A 370 6.58 -18.11 17.49
N THR A 371 5.63 -17.96 16.56
CA THR A 371 4.33 -18.63 16.68
C THR A 371 4.51 -20.15 16.62
N ILE A 372 4.29 -20.81 17.76
CA ILE A 372 4.42 -22.25 17.86
C ILE A 372 3.04 -22.88 18.10
N GLN A 373 2.03 -22.31 17.46
CA GLN A 373 0.65 -22.77 17.59
C GLN A 373 0.42 -24.27 17.37
N GLU A 374 -0.37 -24.85 18.27
CA GLU A 374 -0.72 -26.27 18.24
C GLU A 374 -1.72 -26.47 19.40
N ALA A 375 -3.01 -26.49 19.05
CA ALA A 375 -4.09 -26.62 20.03
C ALA A 375 -4.32 -25.25 20.67
N GLY A 376 -5.40 -24.59 20.28
CA GLY A 376 -5.68 -23.26 20.79
C GLY A 376 -6.31 -23.18 22.17
N ASP A 377 -6.79 -21.99 22.49
CA ASP A 377 -7.42 -21.71 23.78
C ASP A 377 -8.94 -21.90 23.75
N TRP A 378 -9.48 -22.16 22.56
CA TRP A 378 -10.92 -22.36 22.41
C TRP A 378 -11.19 -23.77 21.89
N CYS A 379 -12.37 -24.30 22.22
CA CYS A 379 -12.76 -25.63 21.79
C CYS A 379 -14.08 -25.57 21.02
N VAL A 380 -14.69 -26.64 20.81
#